data_6XZF
#
_entry.id   6XZF
#
_cell.length_a   69.335
_cell.length_b   69.335
_cell.length_c   169.063
_cell.angle_alpha   90.000
_cell.angle_beta   90.000
_cell.angle_gamma   120.000
#
_symmetry.space_group_name_H-M   'P 31 2 1'
#
loop_
_entity.id
_entity.type
_entity.pdbx_description
1 polymer eGFP
2 polymer 'Nanobody targeted against eGFP'
3 non-polymer 'TERBIUM(III) ION'
4 water water
#
loop_
_entity_poly.entity_id
_entity_poly.type
_entity_poly.pdbx_seq_one_letter_code
_entity_poly.pdbx_strand_id
1 'polypeptide(L)'
;VSKGEELFTGVVPILVELDGDVNGHKFSVSGEGEGDATYGKLTLKFICTTGKLPVPWPTLVTTL(CRO)VQCFSRYPDHM
KQHDFFKSAMPEGYVQERTIFFKDDGNYKTRAEVKFEGDTLVNRIELKGIDFKEDGNILGHKLEYNYNSHNVYIMADKQK
NGIKVNFKIRHNIEDGSVQLADHYQQNTPIGDGPVLLPDNHYLSTQSALSKDPNEKRDHMVLLEFVTAAGITLGMDELYK
;
A
2 'polypeptide(L)'
;QVQLVESGGALVQPGGSLRLSCAASGFPVNRYSMRWYRQADTNNDGWIEGDELKEREWVAGMSSAGDRSSYEDSVKGRFT
ISRDDARNTVYLQMNSLKPEDTAVYYCNVNVGFEYWGQGTQVTVSSHHHHHH
;
B
#
loop_
_chem_comp.id
_chem_comp.type
_chem_comp.name
_chem_comp.formula
TB non-polymer 'TERBIUM(III) ION' 'Tb 3'
#
# COMPACT_ATOMS: atom_id res chain seq x y z
N SER A 2 -16.06 26.75 -6.96
CA SER A 2 -14.93 26.73 -6.04
C SER A 2 -13.58 26.64 -6.75
N LYS A 3 -13.57 27.09 -8.01
CA LYS A 3 -12.39 27.15 -8.87
C LYS A 3 -11.70 25.78 -9.00
N GLY A 4 -10.67 25.54 -8.18
CA GLY A 4 -9.96 24.27 -8.29
C GLY A 4 -10.91 23.08 -8.32
N GLU A 5 -11.85 23.01 -7.39
CA GLU A 5 -12.78 21.87 -7.31
C GLU A 5 -13.58 21.76 -8.59
N GLU A 6 -13.99 22.88 -9.17
CA GLU A 6 -14.87 22.81 -10.34
C GLU A 6 -14.25 22.05 -11.49
N LEU A 7 -12.91 22.04 -11.57
CA LEU A 7 -12.22 21.34 -12.65
C LEU A 7 -12.37 19.83 -12.54
N PHE A 8 -12.86 19.31 -11.40
CA PHE A 8 -12.93 17.88 -11.17
C PHE A 8 -14.36 17.36 -11.03
N THR A 9 -15.36 18.13 -11.47
CA THR A 9 -16.74 17.66 -11.33
C THR A 9 -17.12 16.58 -12.33
N GLY A 10 -16.40 16.44 -13.45
CA GLY A 10 -16.66 15.32 -14.34
C GLY A 10 -15.47 14.37 -14.43
N VAL A 11 -15.45 13.52 -15.46
CA VAL A 11 -14.30 12.67 -15.75
C VAL A 11 -13.21 13.50 -16.39
N VAL A 12 -12.01 13.43 -15.85
CA VAL A 12 -10.85 14.17 -16.36
C VAL A 12 -9.84 13.21 -16.92
N PRO A 13 -9.37 13.40 -18.15
CA PRO A 13 -8.31 12.56 -18.69
C PRO A 13 -6.97 12.84 -18.04
N ILE A 14 -6.17 11.75 -17.89
CA ILE A 14 -4.90 11.77 -17.20
C ILE A 14 -3.80 11.33 -18.15
N LEU A 15 -2.66 12.01 -18.06
CA LEU A 15 -1.44 11.61 -18.74
C LEU A 15 -0.33 11.58 -17.69
N VAL A 16 0.46 10.51 -17.70
CA VAL A 16 1.58 10.37 -16.78
C VAL A 16 2.85 10.09 -17.58
N GLU A 17 3.94 10.75 -17.20
CA GLU A 17 5.24 10.56 -17.84
C GLU A 17 6.33 10.51 -16.79
N LEU A 18 7.11 9.41 -16.81
CA LEU A 18 8.15 9.17 -15.81
C LEU A 18 9.45 8.83 -16.50
N ASP A 19 10.51 9.48 -16.07
CA ASP A 19 11.88 9.15 -16.45
C ASP A 19 12.59 8.69 -15.17
N GLY A 20 13.18 7.50 -15.22
CA GLY A 20 13.72 6.86 -14.05
C GLY A 20 15.13 6.36 -14.26
N ASP A 21 15.85 6.26 -13.15
CA ASP A 21 17.20 5.72 -13.12
C ASP A 21 17.39 5.08 -11.75
N VAL A 22 17.45 3.75 -11.73
CA VAL A 22 17.60 2.98 -10.50
C VAL A 22 18.87 2.15 -10.60
N ASN A 23 19.81 2.43 -9.69
CA ASN A 23 21.14 1.80 -9.72
C ASN A 23 21.74 1.86 -11.12
N GLY A 24 21.55 2.99 -11.80
CA GLY A 24 22.02 3.18 -13.15
C GLY A 24 21.20 2.55 -14.25
N HIS A 25 20.15 1.77 -13.93
CA HIS A 25 19.28 1.23 -14.98
C HIS A 25 18.28 2.31 -15.36
N LYS A 26 18.33 2.77 -16.60
CA LYS A 26 17.46 3.85 -17.06
C LYS A 26 16.22 3.29 -17.73
N PHE A 27 15.08 3.94 -17.50
CA PHE A 27 13.82 3.50 -18.10
C PHE A 27 12.88 4.69 -18.15
N SER A 28 11.84 4.55 -18.97
CA SER A 28 10.76 5.52 -19.02
C SER A 28 9.43 4.80 -19.07
N VAL A 29 8.43 5.45 -18.48
CA VAL A 29 7.06 4.97 -18.39
C VAL A 29 6.13 6.07 -18.86
N SER A 30 5.11 5.70 -19.61
CA SER A 30 4.04 6.62 -19.98
C SER A 30 2.73 5.92 -19.64
N GLY A 31 1.75 6.71 -19.22
CA GLY A 31 0.44 6.16 -18.96
C GLY A 31 -0.66 7.14 -19.33
N GLU A 32 -1.86 6.59 -19.53
N GLU A 32 -1.89 6.67 -19.48
CA GLU A 32 -3.02 7.41 -19.78
CA GLU A 32 -3.06 7.47 -19.85
C GLU A 32 -4.24 6.71 -19.22
C GLU A 32 -4.17 6.78 -19.09
N GLY A 33 -5.25 7.51 -18.90
CA GLY A 33 -6.47 6.98 -18.33
C GLY A 33 -7.39 8.11 -17.95
N GLU A 34 -8.28 7.82 -17.00
CA GLU A 34 -9.36 8.73 -16.65
C GLU A 34 -9.50 8.79 -15.14
N GLY A 35 -9.86 9.96 -14.63
CA GLY A 35 -10.09 10.14 -13.21
C GLY A 35 -11.45 10.74 -12.96
N ASP A 36 -12.12 10.24 -11.93
CA ASP A 36 -13.44 10.75 -11.53
C ASP A 36 -13.47 11.03 -10.03
N ALA A 37 -13.01 12.23 -9.66
CA ALA A 37 -12.94 12.58 -8.24
C ALA A 37 -14.28 12.52 -7.52
N THR A 38 -15.40 12.62 -8.24
CA THR A 38 -16.69 12.48 -7.56
C THR A 38 -16.80 11.13 -6.87
N TYR A 39 -16.23 10.08 -7.47
CA TYR A 39 -16.25 8.74 -6.89
C TYR A 39 -14.88 8.31 -6.36
N GLY A 40 -13.92 9.24 -6.29
CA GLY A 40 -12.56 8.90 -5.92
C GLY A 40 -11.95 7.77 -6.75
N LYS A 41 -12.20 7.76 -8.05
CA LYS A 41 -11.89 6.59 -8.86
C LYS A 41 -10.98 6.94 -10.03
N LEU A 42 -9.99 6.07 -10.24
CA LEU A 42 -8.95 6.24 -11.24
C LEU A 42 -8.82 4.93 -11.99
N THR A 43 -8.70 5.00 -13.31
CA THR A 43 -8.37 3.82 -14.13
C THR A 43 -7.27 4.26 -15.08
N LEU A 44 -6.16 3.53 -15.08
CA LEU A 44 -5.05 3.92 -15.94
C LEU A 44 -4.31 2.71 -16.49
N LYS A 45 -3.70 2.90 -17.65
CA LYS A 45 -2.78 1.92 -18.22
C LYS A 45 -1.42 2.57 -18.42
N PHE A 46 -0.38 1.88 -17.98
CA PHE A 46 1.00 2.33 -18.07
C PHE A 46 1.81 1.35 -18.89
N ILE A 47 2.76 1.88 -19.67
CA ILE A 47 3.68 1.05 -20.46
C ILE A 47 5.09 1.53 -20.21
N CYS A 48 6.04 0.58 -20.15
CA CYS A 48 7.46 0.90 -20.16
C CYS A 48 7.86 1.16 -21.61
N THR A 49 8.20 2.41 -21.94
CA THR A 49 8.48 2.77 -23.32
C THR A 49 9.89 2.40 -23.74
N THR A 50 10.75 2.01 -22.81
CA THR A 50 12.13 1.67 -23.08
C THR A 50 12.37 0.17 -23.14
N GLY A 51 11.32 -0.64 -23.10
CA GLY A 51 11.53 -2.09 -23.06
C GLY A 51 11.06 -2.74 -21.76
N LYS A 52 11.91 -3.57 -21.16
CA LYS A 52 11.53 -4.22 -19.90
C LYS A 52 11.80 -3.27 -18.73
N LEU A 53 10.82 -3.18 -17.81
CA LEU A 53 11.02 -2.38 -16.60
C LEU A 53 12.02 -3.07 -15.70
N PRO A 54 13.05 -2.37 -15.20
CA PRO A 54 14.07 -3.02 -14.37
C PRO A 54 13.73 -3.10 -12.88
N VAL A 55 12.56 -2.58 -12.51
CA VAL A 55 11.99 -2.70 -11.17
C VAL A 55 10.61 -3.26 -11.29
N PRO A 56 10.02 -3.74 -10.18
CA PRO A 56 8.65 -4.23 -10.22
C PRO A 56 7.65 -3.09 -10.36
N TRP A 57 6.60 -3.34 -11.14
CA TRP A 57 5.53 -2.35 -11.32
C TRP A 57 4.95 -1.88 -9.99
N PRO A 58 4.67 -2.76 -9.01
CA PRO A 58 4.10 -2.25 -7.75
C PRO A 58 5.00 -1.22 -7.08
N THR A 59 6.33 -1.25 -7.31
CA THR A 59 7.13 -0.24 -6.62
C THR A 59 6.90 1.16 -7.19
N LEU A 60 6.30 1.29 -8.34
CA LEU A 60 6.11 2.61 -8.97
C LEU A 60 4.71 3.16 -8.75
N VAL A 61 3.82 2.43 -8.09
CA VAL A 61 2.41 2.83 -8.10
C VAL A 61 2.23 4.21 -7.45
N THR A 62 2.84 4.41 -6.26
CA THR A 62 2.67 5.68 -5.55
C THR A 62 3.23 6.85 -6.36
N THR A 63 4.33 6.61 -7.07
CA THR A 63 4.96 7.66 -7.88
C THR A 63 4.08 8.02 -9.08
N LEU A 64 3.56 7.00 -9.78
CA LEU A 64 2.68 7.20 -10.93
C LEU A 64 1.31 7.76 -10.59
N1 CRO A 65 0.56 7.30 -9.48
CA1 CRO A 65 -0.73 7.73 -8.99
CB1 CRO A 65 -1.73 6.61 -9.08
CG1 CRO A 65 -1.89 6.31 -10.56
OG1 CRO A 65 -1.34 5.47 -8.38
C1 CRO A 65 -0.51 8.13 -7.56
N2 CRO A 65 -0.83 7.32 -6.43
N3 CRO A 65 0.12 9.37 -7.17
C2 CRO A 65 0.18 9.35 -5.71
O2 CRO A 65 0.65 10.19 -5.04
CA2 CRO A 65 -0.42 8.02 -5.25
CA3 CRO A 65 0.66 10.41 -8.00
C3 CRO A 65 -0.31 11.58 -8.31
O3 CRO A 65 0.32 12.59 -8.68
CB2 CRO A 65 -0.51 7.69 -3.98
CG2 CRO A 65 -0.94 6.35 -3.41
CD1 CRO A 65 -1.46 5.33 -4.19
CD2 CRO A 65 -0.81 6.16 -2.03
CE1 CRO A 65 -1.85 4.13 -3.58
CE2 CRO A 65 -1.20 4.98 -1.42
CZ CRO A 65 -1.73 3.97 -2.22
OH CRO A 65 -2.15 2.76 -1.65
H CRO A 65 1.20 7.80 -9.13
HA1 CRO A 65 -1.04 8.50 -9.50
HB1 CRO A 65 -2.59 6.92 -8.73
HG11 CRO A 65 -2.70 5.81 -10.71
HG12 CRO A 65 -1.91 7.15 -11.06
HG13 CRO A 65 -1.12 5.78 -10.87
HOG1 CRO A 65 -2.00 4.97 -8.25
HA31 CRO A 65 0.95 10.02 -8.83
HA32 CRO A 65 1.44 10.77 -7.54
HB2 CRO A 65 -0.29 8.35 -3.36
HD1 CRO A 65 -1.56 5.44 -5.10
HD2 CRO A 65 -0.47 6.85 -1.51
HE1 CRO A 65 -2.21 3.45 -4.09
HE2 CRO A 65 -1.12 4.86 -0.51
HOH CRO A 65 -2.49 2.27 -2.26
N VAL A 66 -1.60 11.29 -8.30
CA VAL A 66 -2.58 12.27 -8.76
C VAL A 66 -3.67 12.30 -7.64
N GLN A 67 -3.27 12.75 -6.45
CA GLN A 67 -4.15 12.72 -5.28
C GLN A 67 -5.24 13.78 -5.33
N CYS A 68 -5.18 14.68 -6.32
CA CYS A 68 -6.30 15.53 -6.68
C CYS A 68 -7.53 14.72 -7.08
N PHE A 69 -7.38 13.43 -7.37
CA PHE A 69 -8.58 12.67 -7.72
C PHE A 69 -9.22 12.01 -6.50
N SER A 70 -8.70 12.22 -5.30
CA SER A 70 -9.36 11.64 -4.14
C SER A 70 -10.75 12.21 -3.99
N ARG A 71 -11.65 11.42 -3.42
CA ARG A 71 -12.99 11.88 -3.09
C ARG A 71 -12.97 12.52 -1.71
N TYR A 72 -13.18 13.83 -1.64
CA TYR A 72 -13.33 14.47 -0.34
C TYR A 72 -14.81 14.61 -0.06
N PRO A 73 -15.36 13.98 0.99
CA PRO A 73 -16.79 14.18 1.28
C PRO A 73 -17.09 15.65 1.55
N ASP A 74 -18.34 16.06 1.33
CA ASP A 74 -18.65 17.48 1.37
C ASP A 74 -18.34 18.10 2.74
N HIS A 75 -18.44 17.34 3.81
CA HIS A 75 -18.10 17.89 5.11
C HIS A 75 -16.59 18.11 5.29
N MET A 76 -15.74 17.69 4.35
CA MET A 76 -14.29 17.88 4.46
C MET A 76 -13.66 18.64 3.30
N LYS A 77 -14.46 19.24 2.40
CA LYS A 77 -13.86 19.82 1.19
C LYS A 77 -12.95 21.01 1.48
N GLN A 78 -13.02 21.57 2.69
CA GLN A 78 -12.08 22.63 3.06
C GLN A 78 -10.67 22.11 3.27
N HIS A 79 -10.46 20.80 3.25
CA HIS A 79 -9.16 20.22 3.51
C HIS A 79 -8.49 19.66 2.25
N ASP A 80 -9.01 19.99 1.07
CA ASP A 80 -8.53 19.41 -0.18
C ASP A 80 -7.51 20.37 -0.81
N PHE A 81 -6.27 20.24 -0.32
CA PHE A 81 -5.18 21.03 -0.86
C PHE A 81 -4.96 20.79 -2.35
N PHE A 82 -5.06 19.51 -2.79
CA PHE A 82 -4.60 19.13 -4.14
C PHE A 82 -5.41 19.85 -5.21
N LYS A 83 -6.73 19.80 -5.10
CA LYS A 83 -7.60 20.44 -6.07
C LYS A 83 -7.49 21.96 -5.97
N SER A 84 -7.22 22.48 -4.77
CA SER A 84 -7.18 23.93 -4.57
C SER A 84 -5.99 24.54 -5.28
N ALA A 85 -4.96 23.75 -5.55
CA ALA A 85 -3.80 24.25 -6.28
C ALA A 85 -4.01 24.22 -7.78
N MET A 86 -5.09 23.71 -8.23
CA MET A 86 -5.30 23.62 -9.67
C MET A 86 -5.94 24.91 -10.17
N PRO A 87 -5.68 25.32 -11.41
CA PRO A 87 -4.99 24.47 -12.38
C PRO A 87 -3.48 24.62 -12.51
N GLU A 88 -2.86 25.60 -11.83
CA GLU A 88 -1.43 25.80 -11.97
C GLU A 88 -0.65 24.60 -11.45
N GLY A 89 -1.19 23.89 -10.48
CA GLY A 89 -0.63 22.61 -10.06
C GLY A 89 0.20 22.69 -8.80
N TYR A 90 0.85 21.54 -8.48
CA TYR A 90 1.77 21.44 -7.36
C TYR A 90 2.95 20.57 -7.75
N VAL A 91 4.05 20.79 -7.01
CA VAL A 91 5.23 19.92 -7.02
C VAL A 91 5.05 18.91 -5.89
N GLN A 92 5.26 17.64 -6.22
CA GLN A 92 5.16 16.53 -5.27
C GLN A 92 6.52 15.88 -5.22
N GLU A 93 7.16 15.94 -4.07
CA GLU A 93 8.48 15.36 -3.89
C GLU A 93 8.39 14.22 -2.89
N ARG A 94 9.18 13.17 -3.12
CA ARG A 94 9.19 12.09 -2.14
C ARG A 94 10.57 11.49 -1.98
N THR A 95 10.79 10.93 -0.79
CA THR A 95 11.80 9.90 -0.56
C THR A 95 11.06 8.64 -0.14
N ILE A 96 11.38 7.52 -0.76
CA ILE A 96 10.76 6.23 -0.45
C ILE A 96 11.88 5.28 -0.04
N PHE A 97 11.81 4.81 1.20
CA PHE A 97 12.82 3.94 1.75
C PHE A 97 12.29 2.52 1.76
N PHE A 98 12.91 1.65 0.99
CA PHE A 98 12.54 0.23 1.00
C PHE A 98 13.33 -0.48 2.09
N LYS A 99 12.62 -1.13 3.01
CA LYS A 99 13.27 -1.70 4.18
C LYS A 99 14.34 -2.70 3.75
N ASP A 100 15.53 -2.50 4.27
CA ASP A 100 16.68 -3.40 4.04
C ASP A 100 17.14 -3.34 2.58
N ASP A 101 16.82 -2.25 1.88
CA ASP A 101 17.22 -2.12 0.48
C ASP A 101 17.40 -0.63 0.18
N GLY A 102 17.28 -0.27 -1.10
CA GLY A 102 17.60 1.07 -1.54
C GLY A 102 16.45 2.03 -1.32
N ASN A 103 16.62 3.24 -1.87
CA ASN A 103 15.61 4.28 -1.80
C ASN A 103 15.37 4.93 -3.15
N TYR A 104 14.14 5.38 -3.30
CA TYR A 104 13.73 6.24 -4.39
C TYR A 104 13.60 7.68 -3.92
N LYS A 105 14.10 8.61 -4.71
CA LYS A 105 13.77 10.03 -4.57
C LYS A 105 13.05 10.47 -5.82
N THR A 106 11.95 11.20 -5.65
CA THR A 106 11.16 11.58 -6.80
C THR A 106 10.76 13.05 -6.71
N ARG A 107 10.64 13.67 -7.89
CA ARG A 107 10.10 15.01 -8.04
C ARG A 107 9.13 15.01 -9.21
N ALA A 108 7.90 15.42 -8.95
CA ALA A 108 6.87 15.43 -9.96
C ALA A 108 6.22 16.79 -10.01
N GLU A 109 5.73 17.15 -11.18
CA GLU A 109 4.82 18.28 -11.35
C GLU A 109 3.47 17.75 -11.78
N VAL A 110 2.43 18.12 -11.05
CA VAL A 110 1.07 17.72 -11.37
C VAL A 110 0.27 18.99 -11.72
N LYS A 111 -0.23 19.06 -12.94
CA LYS A 111 -0.97 20.27 -13.34
C LYS A 111 -1.81 20.01 -14.57
N PHE A 112 -2.74 20.92 -14.85
CA PHE A 112 -3.47 20.82 -16.11
C PHE A 112 -2.60 21.32 -17.25
N GLU A 113 -2.63 20.56 -18.33
CA GLU A 113 -2.08 20.91 -19.64
C GLU A 113 -3.30 20.89 -20.53
N GLY A 114 -3.89 22.06 -20.75
CA GLY A 114 -5.18 22.06 -21.41
C GLY A 114 -6.22 21.44 -20.52
N ASP A 115 -7.04 20.56 -21.10
CA ASP A 115 -8.07 19.88 -20.34
C ASP A 115 -7.58 18.56 -19.72
N THR A 116 -6.31 18.27 -19.83
CA THR A 116 -5.76 17.00 -19.33
C THR A 116 -4.98 17.26 -18.05
N LEU A 117 -5.13 16.34 -17.09
CA LEU A 117 -4.36 16.38 -15.86
C LEU A 117 -3.08 15.56 -16.07
N VAL A 118 -1.93 16.20 -15.92
CA VAL A 118 -0.64 15.65 -16.31
C VAL A 118 0.25 15.54 -15.09
N ASN A 119 0.86 14.36 -14.91
CA ASN A 119 1.81 14.07 -13.85
C ASN A 119 3.15 13.75 -14.54
N ARG A 120 4.15 14.62 -14.39
CA ARG A 120 5.46 14.46 -14.99
C ARG A 120 6.51 14.26 -13.90
N ILE A 121 7.22 13.13 -13.95
CA ILE A 121 8.04 12.68 -12.84
C ILE A 121 9.46 12.39 -13.28
N GLU A 122 10.40 12.70 -12.39
CA GLU A 122 11.77 12.23 -12.44
C GLU A 122 12.05 11.41 -11.19
N LEU A 123 12.63 10.22 -11.36
CA LEU A 123 12.83 9.26 -10.29
C LEU A 123 14.28 8.80 -10.29
N LYS A 124 14.90 8.85 -9.13
CA LYS A 124 16.28 8.44 -8.93
C LYS A 124 16.32 7.41 -7.80
N GLY A 125 16.83 6.23 -8.10
CA GLY A 125 16.95 5.17 -7.11
C GLY A 125 18.43 4.80 -6.96
N ILE A 126 18.84 4.62 -5.70
CA ILE A 126 20.23 4.26 -5.39
C ILE A 126 20.27 3.24 -4.27
N ASP A 127 21.42 2.58 -4.18
CA ASP A 127 21.77 1.67 -3.10
C ASP A 127 20.88 0.43 -3.04
N PHE A 128 20.34 0.00 -4.18
CA PHE A 128 19.58 -1.24 -4.23
C PHE A 128 20.53 -2.43 -4.32
N LYS A 129 20.08 -3.55 -3.77
CA LYS A 129 20.82 -4.81 -3.86
C LYS A 129 20.45 -5.52 -5.15
N GLU A 130 21.44 -6.00 -5.89
CA GLU A 130 21.13 -6.55 -7.21
C GLU A 130 20.26 -7.80 -7.11
N ASP A 131 20.29 -8.50 -5.97
CA ASP A 131 19.37 -9.62 -5.78
CA ASP A 131 19.47 -9.67 -5.69
C ASP A 131 18.44 -9.42 -4.59
N GLY A 132 18.10 -8.16 -4.28
CA GLY A 132 17.07 -7.89 -3.32
C GLY A 132 15.71 -8.08 -3.96
N ASN A 133 14.67 -7.71 -3.22
CA ASN A 133 13.30 -7.91 -3.74
C ASN A 133 12.99 -7.00 -4.93
N ILE A 134 13.65 -5.85 -5.05
CA ILE A 134 13.31 -4.90 -6.09
C ILE A 134 14.05 -5.26 -7.38
N LEU A 135 15.36 -5.12 -7.41
CA LEU A 135 16.09 -5.46 -8.62
C LEU A 135 16.01 -6.96 -8.94
N GLY A 136 15.65 -7.78 -7.97
CA GLY A 136 15.47 -9.21 -8.16
C GLY A 136 14.08 -9.63 -8.58
N HIS A 137 13.17 -8.66 -8.70
CA HIS A 137 11.77 -8.87 -9.12
C HIS A 137 11.08 -9.98 -8.31
N LYS A 138 11.02 -9.78 -6.99
CA LYS A 138 10.41 -10.75 -6.10
C LYS A 138 9.08 -10.28 -5.51
N LEU A 139 8.53 -9.16 -5.99
CA LEU A 139 7.23 -8.69 -5.54
C LEU A 139 6.11 -9.40 -6.27
N GLU A 140 5.07 -9.73 -5.55
CA GLU A 140 3.83 -10.20 -6.16
C GLU A 140 3.21 -9.08 -6.97
N TYR A 141 2.45 -9.46 -8.01
CA TYR A 141 1.79 -8.48 -8.91
C TYR A 141 0.41 -8.16 -8.32
N ASN A 142 0.42 -7.35 -7.27
CA ASN A 142 -0.80 -6.90 -6.60
C ASN A 142 -0.43 -5.68 -5.75
N TYR A 143 -1.42 -5.12 -5.08
CA TYR A 143 -1.26 -3.87 -4.36
C TYR A 143 -2.24 -3.85 -3.19
N ASN A 144 -1.77 -3.40 -2.06
CA ASN A 144 -2.61 -3.42 -0.88
C ASN A 144 -3.32 -2.08 -0.72
N SER A 145 -3.98 -1.94 0.43
CA SER A 145 -4.90 -0.84 0.72
C SER A 145 -4.35 -0.14 1.93
N HIS A 146 -4.20 1.18 1.82
CA HIS A 146 -3.38 1.92 2.76
C HIS A 146 -4.09 3.16 3.23
N ASN A 147 -3.45 3.82 4.20
CA ASN A 147 -3.91 5.10 4.72
C ASN A 147 -2.77 6.11 4.62
N VAL A 148 -3.05 7.23 3.97
CA VAL A 148 -2.07 8.26 3.61
C VAL A 148 -2.31 9.44 4.54
N TYR A 149 -1.38 9.74 5.44
CA TYR A 149 -1.61 10.75 6.48
C TYR A 149 -1.12 12.12 6.02
N ILE A 150 -1.99 13.12 6.14
CA ILE A 150 -1.75 14.44 5.57
C ILE A 150 -1.77 15.48 6.69
N MET A 151 -0.73 16.33 6.72
CA MET A 151 -0.60 17.45 7.65
C MET A 151 -0.34 18.74 6.87
N ALA A 152 -0.87 19.86 7.37
CA ALA A 152 -0.49 21.13 6.76
C ALA A 152 0.95 21.46 7.10
N ASP A 153 1.63 22.12 6.13
CA ASP A 153 2.97 22.69 6.31
C ASP A 153 2.89 24.18 5.97
N LYS A 154 2.47 24.99 6.95
CA LYS A 154 2.15 26.39 6.66
C LYS A 154 3.34 27.14 6.06
N GLN A 155 4.54 26.91 6.61
CA GLN A 155 5.72 27.63 6.14
C GLN A 155 5.95 27.43 4.64
N LYS A 156 5.75 26.22 4.14
CA LYS A 156 5.94 25.96 2.73
C LYS A 156 4.66 26.20 1.92
N ASN A 157 3.61 26.69 2.57
CA ASN A 157 2.31 26.89 1.93
C ASN A 157 1.87 25.62 1.21
N GLY A 158 2.14 24.47 1.84
CA GLY A 158 1.72 23.21 1.28
C GLY A 158 1.42 22.17 2.33
N ILE A 159 1.68 20.91 2.00
CA ILE A 159 1.34 19.82 2.91
C ILE A 159 2.53 18.89 3.03
N LYS A 160 2.59 18.22 4.17
CA LYS A 160 3.53 17.14 4.45
C LYS A 160 2.74 15.85 4.62
N VAL A 161 3.25 14.75 4.05
CA VAL A 161 2.46 13.53 3.93
C VAL A 161 3.36 12.36 4.30
N ASN A 162 2.80 11.38 4.99
CA ASN A 162 3.55 10.23 5.47
C ASN A 162 2.68 8.99 5.40
N PHE A 163 3.30 7.86 5.04
CA PHE A 163 2.59 6.60 5.06
C PHE A 163 3.60 5.48 4.78
N LYS A 164 3.14 4.27 5.02
CA LYS A 164 3.91 3.05 4.75
C LYS A 164 3.12 2.19 3.77
N ILE A 165 3.79 1.80 2.69
CA ILE A 165 3.27 0.86 1.72
C ILE A 165 3.76 -0.54 2.10
N ARG A 166 2.86 -1.51 2.02
CA ARG A 166 3.16 -2.91 2.32
C ARG A 166 3.15 -3.66 1.00
N HIS A 167 4.32 -4.10 0.55
CA HIS A 167 4.47 -4.82 -0.70
C HIS A 167 4.52 -6.33 -0.39
N ASN A 168 3.58 -7.11 -0.93
CA ASN A 168 3.64 -8.57 -0.76
C ASN A 168 4.80 -9.14 -1.57
N ILE A 169 5.54 -10.08 -0.94
CA ILE A 169 6.72 -10.68 -1.53
C ILE A 169 6.39 -12.15 -1.79
N GLU A 170 6.98 -12.68 -2.86
CA GLU A 170 6.57 -13.99 -3.38
C GLU A 170 6.80 -15.12 -2.37
N ASP A 171 7.72 -14.95 -1.44
CA ASP A 171 8.01 -16.01 -0.44
C ASP A 171 7.07 -15.97 0.75
N GLY A 172 6.02 -15.12 0.68
CA GLY A 172 5.08 -14.99 1.77
C GLY A 172 5.33 -13.80 2.68
N SER A 173 6.48 -13.15 2.57
CA SER A 173 6.79 -12.02 3.43
C SER A 173 6.14 -10.73 2.90
N VAL A 174 6.37 -9.63 3.61
CA VAL A 174 5.88 -8.30 3.27
C VAL A 174 7.05 -7.36 3.46
N GLN A 175 7.30 -6.47 2.50
CA GLN A 175 8.36 -5.50 2.63
C GLN A 175 7.77 -4.10 2.66
N LEU A 176 8.19 -3.32 3.65
CA LEU A 176 7.66 -1.98 3.81
C LEU A 176 8.43 -0.99 2.95
N ALA A 177 7.68 -0.03 2.41
CA ALA A 177 8.20 1.12 1.70
C ALA A 177 7.71 2.37 2.43
N ASP A 178 8.62 3.01 3.16
CA ASP A 178 8.33 4.17 3.99
C ASP A 178 8.36 5.43 3.13
N HIS A 179 7.21 6.08 3.00
CA HIS A 179 7.05 7.25 2.14
C HIS A 179 7.07 8.52 2.97
N TYR A 180 7.98 9.42 2.60
CA TYR A 180 7.99 10.80 3.08
C TYR A 180 7.75 11.74 1.91
N GLN A 181 6.74 12.60 2.04
CA GLN A 181 6.22 13.37 0.92
C GLN A 181 5.99 14.83 1.30
N GLN A 182 6.24 15.75 0.37
CA GLN A 182 6.03 17.21 0.52
C GLN A 182 5.37 17.72 -0.75
N ASN A 183 4.27 18.46 -0.66
CA ASN A 183 3.64 19.06 -1.83
C ASN A 183 3.59 20.56 -1.62
N THR A 184 3.93 21.30 -2.67
CA THR A 184 3.97 22.77 -2.62
C THR A 184 3.37 23.33 -3.91
N PRO A 185 2.54 24.37 -3.82
CA PRO A 185 1.86 24.85 -5.04
C PRO A 185 2.85 25.45 -6.01
N ILE A 186 2.52 25.34 -7.29
CA ILE A 186 3.35 25.96 -8.31
C ILE A 186 2.96 27.43 -8.45
N GLY A 187 1.66 27.71 -8.39
CA GLY A 187 1.14 29.05 -8.53
C GLY A 187 1.31 29.87 -7.26
N ASP A 188 0.87 31.12 -7.35
CA ASP A 188 0.98 32.05 -6.23
C ASP A 188 -0.35 32.26 -5.51
N GLY A 189 -1.46 31.84 -6.10
CA GLY A 189 -2.76 32.04 -5.51
C GLY A 189 -2.94 31.24 -4.23
N PRO A 190 -4.01 31.54 -3.49
CA PRO A 190 -4.20 30.91 -2.18
C PRO A 190 -4.63 29.46 -2.31
N VAL A 191 -4.13 28.63 -1.39
CA VAL A 191 -4.43 27.21 -1.37
C VAL A 191 -5.09 26.87 -0.04
N LEU A 192 -5.77 25.73 -0.02
CA LEU A 192 -6.36 25.21 1.21
C LEU A 192 -5.29 24.45 2.01
N LEU A 193 -5.01 24.90 3.23
CA LEU A 193 -4.10 24.20 4.12
C LEU A 193 -4.93 23.36 5.08
N PRO A 194 -4.86 22.04 5.02
CA PRO A 194 -5.85 21.21 5.72
C PRO A 194 -5.51 20.97 7.18
N ASP A 195 -6.56 20.64 7.93
CA ASP A 195 -6.38 19.96 9.20
C ASP A 195 -5.85 18.55 8.94
N ASN A 196 -5.21 17.97 9.95
CA ASN A 196 -4.70 16.61 9.80
C ASN A 196 -5.83 15.65 9.45
N HIS A 197 -5.57 14.76 8.49
CA HIS A 197 -6.58 13.79 8.07
C HIS A 197 -5.86 12.69 7.30
N TYR A 198 -6.62 11.79 6.69
CA TYR A 198 -5.92 10.79 5.89
C TYR A 198 -6.77 10.38 4.70
N LEU A 199 -6.10 9.79 3.71
CA LEU A 199 -6.75 9.23 2.55
C LEU A 199 -6.73 7.71 2.68
N SER A 200 -7.85 7.08 2.43
CA SER A 200 -8.00 5.65 2.45
C SER A 200 -7.99 5.16 1.00
N THR A 201 -7.04 4.30 0.66
CA THR A 201 -6.80 3.87 -0.70
C THR A 201 -7.02 2.37 -0.86
N GLN A 202 -7.47 1.99 -2.04
CA GLN A 202 -7.51 0.60 -2.48
C GLN A 202 -7.11 0.55 -3.94
N SER A 203 -6.30 -0.42 -4.32
CA SER A 203 -5.89 -0.52 -5.72
C SER A 203 -5.86 -1.96 -6.18
N ALA A 204 -6.20 -2.16 -7.44
CA ALA A 204 -6.17 -3.49 -8.05
C ALA A 204 -5.33 -3.39 -9.31
N LEU A 205 -4.40 -4.33 -9.47
CA LEU A 205 -3.51 -4.35 -10.63
C LEU A 205 -3.91 -5.50 -11.54
N SER A 206 -3.81 -5.26 -12.85
CA SER A 206 -4.19 -6.29 -13.80
C SER A 206 -3.34 -6.13 -15.06
N LYS A 207 -3.58 -7.01 -16.02
CA LYS A 207 -2.90 -6.98 -17.31
C LYS A 207 -3.92 -6.92 -18.43
N ASP A 208 -3.53 -6.25 -19.50
CA ASP A 208 -4.30 -6.16 -20.74
C ASP A 208 -3.91 -7.38 -21.59
N PRO A 209 -4.80 -8.34 -21.84
CA PRO A 209 -4.35 -9.56 -22.54
C PRO A 209 -3.94 -9.34 -23.98
N ASN A 210 -4.26 -8.19 -24.57
CA ASN A 210 -3.84 -7.88 -25.92
C ASN A 210 -2.60 -7.00 -25.95
N GLU A 211 -2.04 -6.65 -24.81
CA GLU A 211 -0.87 -5.77 -24.75
C GLU A 211 0.42 -6.59 -24.65
N LYS A 212 1.31 -6.39 -25.64
CA LYS A 212 2.57 -7.13 -25.65
C LYS A 212 3.70 -6.40 -24.92
N ARG A 213 3.59 -5.09 -24.77
CA ARG A 213 4.58 -4.30 -24.03
C ARG A 213 4.50 -4.63 -22.54
N ASP A 214 5.60 -4.38 -21.83
CA ASP A 214 5.63 -4.50 -20.37
C ASP A 214 4.70 -3.41 -19.85
N HIS A 215 3.69 -3.77 -19.04
CA HIS A 215 2.67 -2.79 -18.74
C HIS A 215 2.00 -3.11 -17.42
N MET A 216 1.18 -2.16 -16.97
CA MET A 216 0.34 -2.31 -15.79
C MET A 216 -0.98 -1.58 -16.04
N VAL A 217 -2.09 -2.27 -15.80
CA VAL A 217 -3.42 -1.68 -15.70
C VAL A 217 -3.75 -1.51 -14.23
N LEU A 218 -4.26 -0.36 -13.87
CA LEU A 218 -4.51 0.01 -12.47
C LEU A 218 -5.90 0.56 -12.30
N LEU A 219 -6.59 0.04 -11.29
CA LEU A 219 -7.85 0.57 -10.80
C LEU A 219 -7.64 0.99 -9.36
N GLU A 220 -8.12 2.19 -9.02
CA GLU A 220 -7.86 2.79 -7.72
C GLU A 220 -9.08 3.55 -7.22
N PHE A 221 -9.35 3.38 -5.91
CA PHE A 221 -10.37 4.11 -5.18
C PHE A 221 -9.70 4.77 -3.99
N VAL A 222 -9.94 6.08 -3.83
CA VAL A 222 -9.30 6.87 -2.77
C VAL A 222 -10.35 7.80 -2.19
N THR A 223 -10.54 7.74 -0.87
CA THR A 223 -11.48 8.61 -0.18
C THR A 223 -10.82 9.25 1.04
N ALA A 224 -11.05 10.55 1.22
CA ALA A 224 -10.55 11.24 2.38
C ALA A 224 -11.38 10.85 3.59
N ALA A 225 -10.73 10.76 4.76
CA ALA A 225 -11.45 10.45 6.00
C ALA A 225 -10.68 10.98 7.20
N GLY A 226 -11.20 10.70 8.39
CA GLY A 226 -10.54 11.03 9.63
C GLY A 226 -10.81 12.43 10.14
N ILE A 227 -11.78 13.12 9.55
CA ILE A 227 -12.11 14.52 9.83
C ILE A 227 -11.08 15.22 10.71
N GLN B 1 -17.95 -13.45 -3.16
CA GLN B 1 -17.73 -12.60 -1.97
C GLN B 1 -16.56 -13.20 -1.16
N VAL B 2 -15.37 -12.59 -1.22
CA VAL B 2 -14.26 -13.02 -0.37
C VAL B 2 -14.62 -12.75 1.09
N GLN B 3 -14.44 -13.75 1.95
CA GLN B 3 -14.66 -13.61 3.37
C GLN B 3 -13.56 -14.37 4.11
N LEU B 4 -13.04 -13.78 5.18
CA LEU B 4 -12.05 -14.43 6.03
C LEU B 4 -12.57 -14.36 7.46
N VAL B 5 -12.53 -15.47 8.20
CA VAL B 5 -13.05 -15.49 9.57
C VAL B 5 -12.03 -16.19 10.46
N GLU B 6 -11.39 -15.45 11.38
CA GLU B 6 -10.40 -16.00 12.28
C GLU B 6 -11.10 -16.53 13.54
N SER B 7 -10.46 -17.52 14.17
CA SER B 7 -10.92 -18.07 15.42
C SER B 7 -9.71 -18.69 16.11
N GLY B 8 -9.90 -19.05 17.38
CA GLY B 8 -8.85 -19.74 18.13
C GLY B 8 -8.23 -18.90 19.22
N GLY B 9 -8.48 -17.59 19.22
CA GLY B 9 -7.87 -16.74 20.23
C GLY B 9 -8.35 -17.10 21.64
N ALA B 10 -7.45 -17.01 22.59
CA ALA B 10 -7.73 -17.46 23.96
C ALA B 10 -6.68 -16.86 24.87
N LEU B 11 -6.91 -17.01 26.17
CA LEU B 11 -5.86 -16.72 27.15
C LEU B 11 -4.91 -17.91 27.29
N VAL B 12 -3.60 -17.63 27.24
CA VAL B 12 -2.59 -18.68 27.32
C VAL B 12 -1.54 -18.28 28.34
N GLN B 13 -0.99 -19.30 29.10
CA GLN B 13 0.13 -18.96 29.99
C GLN B 13 1.39 -18.73 29.18
N PRO B 14 2.30 -17.88 29.66
CA PRO B 14 3.60 -17.75 28.99
C PRO B 14 4.23 -19.12 28.83
N GLY B 15 4.86 -19.33 27.67
CA GLY B 15 5.42 -20.61 27.28
C GLY B 15 4.43 -21.55 26.65
N GLY B 16 3.15 -21.21 26.64
CA GLY B 16 2.13 -22.08 26.10
C GLY B 16 2.09 -22.06 24.57
N SER B 17 1.18 -22.90 24.06
CA SER B 17 0.94 -23.08 22.63
C SER B 17 -0.52 -22.81 22.30
N LEU B 18 -0.77 -22.47 21.03
CA LEU B 18 -2.10 -22.13 20.57
C LEU B 18 -2.12 -22.31 19.05
N ARG B 19 -3.24 -22.76 18.47
CA ARG B 19 -3.39 -22.74 17.01
C ARG B 19 -4.56 -21.87 16.62
N LEU B 20 -4.28 -20.86 15.82
CA LEU B 20 -5.31 -20.01 15.22
C LEU B 20 -5.71 -20.54 13.86
N SER B 21 -6.98 -20.29 13.48
CA SER B 21 -7.55 -20.74 12.22
C SER B 21 -8.19 -19.54 11.50
N CYS B 22 -8.12 -19.57 10.17
N CYS B 22 -8.06 -19.53 10.20
CA CYS B 22 -8.64 -18.50 9.28
CA CYS B 22 -8.69 -18.52 9.34
C CYS B 22 -9.49 -19.23 8.24
C CYS B 22 -9.49 -19.31 8.32
N ALA B 23 -10.80 -19.31 8.46
CA ALA B 23 -11.68 -20.00 7.54
C ALA B 23 -12.01 -19.06 6.39
N ALA B 24 -11.66 -19.45 5.15
CA ALA B 24 -11.87 -18.60 4.00
C ALA B 24 -13.08 -19.08 3.20
N SER B 25 -13.77 -18.14 2.54
CA SER B 25 -14.77 -18.50 1.54
C SER B 25 -14.71 -17.48 0.41
N GLY B 26 -15.22 -17.88 -0.75
CA GLY B 26 -15.25 -17.02 -1.91
C GLY B 26 -14.03 -17.10 -2.79
N PHE B 27 -13.06 -17.94 -2.43
CA PHE B 27 -11.84 -18.12 -3.18
C PHE B 27 -11.09 -19.31 -2.58
N PRO B 28 -10.17 -19.91 -3.31
CA PRO B 28 -9.43 -21.05 -2.73
C PRO B 28 -8.12 -20.67 -2.08
N VAL B 29 -7.86 -21.17 -0.87
CA VAL B 29 -6.63 -20.82 -0.19
C VAL B 29 -5.40 -21.38 -0.88
N ASN B 30 -5.55 -22.39 -1.71
CA ASN B 30 -4.38 -22.92 -2.37
C ASN B 30 -4.07 -22.22 -3.69
N ARG B 31 -4.70 -21.07 -3.98
CA ARG B 31 -4.40 -20.31 -5.19
C ARG B 31 -3.79 -18.93 -4.91
N TYR B 32 -3.73 -18.52 -3.65
CA TYR B 32 -3.22 -17.21 -3.29
C TYR B 32 -2.27 -17.33 -2.12
N SER B 33 -1.30 -16.41 -2.05
CA SER B 33 -0.53 -16.34 -0.82
C SER B 33 -1.44 -15.84 0.30
N MET B 34 -1.25 -16.37 1.49
CA MET B 34 -1.98 -15.91 2.67
C MET B 34 -1.05 -15.58 3.81
N ARG B 35 -1.47 -14.55 4.54
CA ARG B 35 -0.62 -13.97 5.56
C ARG B 35 -1.38 -13.76 6.86
N TRP B 36 -0.61 -13.79 7.93
CA TRP B 36 -1.05 -13.40 9.26
C TRP B 36 -0.37 -12.10 9.66
N TYR B 37 -1.14 -11.24 10.32
CA TYR B 37 -0.70 -9.98 10.87
C TYR B 37 -1.18 -9.91 12.30
N ARG B 38 -0.71 -8.92 13.06
CA ARG B 38 -1.26 -8.68 14.40
C ARG B 38 -1.19 -7.19 14.72
N GLN B 39 -2.12 -6.73 15.55
CA GLN B 39 -2.08 -5.35 16.04
C GLN B 39 -1.23 -5.34 17.31
N ALA B 40 0.05 -4.97 17.13
CA ALA B 40 1.09 -5.13 18.11
C ALA B 40 1.16 -3.95 19.08
N ASP B 41 1.49 -4.28 20.32
CA ASP B 41 1.77 -3.34 21.40
C ASP B 41 3.24 -2.98 21.33
N THR B 42 3.56 -2.00 20.48
CA THR B 42 4.96 -1.70 20.19
C THR B 42 5.67 -0.96 21.32
N ASN B 43 4.96 -0.16 22.11
CA ASN B 43 5.59 0.50 23.26
C ASN B 43 5.66 -0.44 24.47
N ASN B 44 5.00 -1.60 24.43
CA ASN B 44 5.02 -2.58 25.53
C ASN B 44 4.61 -1.96 26.87
N ASP B 45 3.49 -1.24 26.86
CA ASP B 45 2.84 -0.82 28.10
C ASP B 45 1.68 -1.73 28.49
N GLY B 46 1.33 -2.70 27.67
CA GLY B 46 0.22 -3.58 27.98
C GLY B 46 -1.11 -3.24 27.35
N TRP B 47 -1.15 -2.24 26.48
CA TRP B 47 -2.39 -1.74 25.87
C TRP B 47 -2.11 -1.42 24.41
N ILE B 48 -3.17 -1.13 23.67
CA ILE B 48 -3.07 -0.61 22.30
C ILE B 48 -3.63 0.80 22.34
N GLU B 49 -2.80 1.78 22.00
CA GLU B 49 -3.22 3.17 22.06
C GLU B 49 -2.46 3.96 21.01
N GLY B 50 -3.09 5.04 20.55
CA GLY B 50 -2.38 5.99 19.71
C GLY B 50 -2.09 5.40 18.34
N ASP B 51 -0.85 5.59 17.89
CA ASP B 51 -0.44 5.09 16.59
C ASP B 51 -0.51 3.58 16.50
N GLU B 52 -0.44 2.87 17.62
CA GLU B 52 -0.54 1.41 17.57
C GLU B 52 -1.88 1.00 16.98
N LEU B 53 -2.91 1.82 17.19
CA LEU B 53 -4.24 1.52 16.67
C LEU B 53 -4.31 1.69 15.16
N LYS B 54 -3.27 2.26 14.55
CA LYS B 54 -3.26 2.60 13.12
C LYS B 54 -2.56 1.57 12.24
N GLU B 55 -1.79 0.67 12.83
CA GLU B 55 -0.89 -0.20 12.10
C GLU B 55 -1.19 -1.64 12.43
N ARG B 56 -0.98 -2.52 11.43
CA ARG B 56 -0.97 -3.95 11.64
C ARG B 56 0.41 -4.46 11.21
N GLU B 57 1.02 -5.27 12.07
CA GLU B 57 2.38 -5.79 11.89
C GLU B 57 2.35 -7.15 11.21
N TRP B 58 3.12 -7.29 10.12
CA TRP B 58 3.17 -8.56 9.39
C TRP B 58 3.90 -9.62 10.25
N VAL B 59 3.28 -10.81 10.34
CA VAL B 59 3.75 -11.91 11.23
C VAL B 59 4.29 -13.08 10.43
N ALA B 60 3.50 -13.64 9.54
CA ALA B 60 3.86 -14.86 8.84
C ALA B 60 3.15 -14.89 7.51
N GLY B 61 3.71 -15.66 6.58
CA GLY B 61 3.03 -15.83 5.30
C GLY B 61 3.49 -17.05 4.57
N MET B 62 2.62 -17.55 3.70
CA MET B 62 2.97 -18.63 2.78
C MET B 62 2.60 -18.27 1.35
N SER B 63 3.39 -18.79 0.41
CA SER B 63 3.23 -18.51 -1.00
C SER B 63 2.02 -19.27 -1.56
N SER B 64 1.50 -18.79 -2.71
CA SER B 64 0.36 -19.47 -3.32
C SER B 64 0.68 -20.92 -3.65
N ALA B 65 1.89 -21.18 -4.13
CA ALA B 65 2.26 -22.56 -4.44
C ALA B 65 2.45 -23.40 -3.18
N GLY B 66 2.58 -22.76 -2.00
CA GLY B 66 2.73 -23.54 -0.77
C GLY B 66 4.13 -23.99 -0.45
N ASP B 67 5.09 -23.73 -1.33
CA ASP B 67 6.44 -24.26 -1.12
C ASP B 67 7.34 -23.31 -0.37
N ARG B 68 6.91 -22.09 -0.10
N ARG B 68 6.88 -22.09 -0.15
CA ARG B 68 7.74 -21.15 0.64
CA ARG B 68 7.74 -21.16 0.60
C ARG B 68 6.89 -20.54 1.73
C ARG B 68 6.92 -20.51 1.70
N SER B 69 7.54 -20.22 2.85
N SER B 69 7.54 -20.24 2.84
CA SER B 69 6.89 -19.60 3.99
CA SER B 69 6.90 -19.53 3.93
C SER B 69 7.90 -18.73 4.72
C SER B 69 7.92 -18.58 4.50
N SER B 70 7.43 -17.59 5.25
CA SER B 70 8.29 -16.58 5.86
C SER B 70 7.66 -16.08 7.14
N TYR B 71 8.51 -15.52 8.00
CA TYR B 71 8.13 -15.14 9.35
C TYR B 71 8.89 -13.89 9.73
N GLU B 72 8.25 -13.00 10.48
CA GLU B 72 8.98 -11.85 10.99
C GLU B 72 10.00 -12.32 12.03
N ASP B 73 11.08 -11.56 12.18
CA ASP B 73 12.20 -12.03 13.01
C ASP B 73 11.74 -12.44 14.40
N SER B 74 10.77 -11.73 14.97
CA SER B 74 10.46 -11.94 16.38
C SER B 74 9.63 -13.20 16.66
N VAL B 75 9.14 -13.89 15.63
CA VAL B 75 8.39 -15.14 15.80
C VAL B 75 9.06 -16.31 15.10
N LYS B 76 10.15 -16.08 14.38
CA LYS B 76 10.86 -17.15 13.71
C LYS B 76 11.28 -18.20 14.73
N GLY B 77 10.99 -19.48 14.41
CA GLY B 77 11.30 -20.60 15.28
C GLY B 77 10.20 -20.94 16.27
N ARG B 78 9.20 -20.06 16.41
CA ARG B 78 8.13 -20.29 17.38
C ARG B 78 6.75 -20.47 16.73
N PHE B 79 6.54 -19.91 15.54
CA PHE B 79 5.26 -19.99 14.84
C PHE B 79 5.42 -20.77 13.54
N THR B 80 4.34 -21.39 13.07
CA THR B 80 4.35 -22.08 11.79
C THR B 80 3.00 -21.86 11.13
N ILE B 81 3.04 -21.38 9.89
CA ILE B 81 1.84 -21.21 9.11
C ILE B 81 1.64 -22.48 8.28
N SER B 82 0.38 -22.84 8.09
CA SER B 82 0.05 -23.98 7.24
C SER B 82 -1.39 -23.80 6.76
N ARG B 83 -1.80 -24.69 5.86
CA ARG B 83 -3.17 -24.64 5.42
C ARG B 83 -3.71 -26.03 5.09
N ASP B 84 -5.04 -26.11 5.15
CA ASP B 84 -5.78 -27.31 4.79
C ASP B 84 -6.65 -26.92 3.60
N ASP B 85 -6.29 -27.42 2.41
CA ASP B 85 -6.97 -26.97 1.20
C ASP B 85 -8.44 -27.38 1.18
N ALA B 86 -8.71 -28.61 1.62
CA ALA B 86 -10.06 -29.17 1.63
C ALA B 86 -10.97 -28.46 2.61
N ARG B 87 -10.44 -28.00 3.73
CA ARG B 87 -11.24 -27.19 4.62
C ARG B 87 -11.21 -25.72 4.25
N ASN B 88 -10.44 -25.34 3.22
CA ASN B 88 -10.21 -23.95 2.86
C ASN B 88 -9.91 -23.10 4.10
N THR B 89 -8.95 -23.57 4.92
CA THR B 89 -8.59 -22.90 6.18
C THR B 89 -7.08 -22.75 6.26
N VAL B 90 -6.61 -21.63 6.81
CA VAL B 90 -5.20 -21.35 7.03
C VAL B 90 -4.98 -21.32 8.54
N TYR B 91 -3.86 -21.88 9.00
CA TYR B 91 -3.59 -21.99 10.42
C TYR B 91 -2.36 -21.16 10.79
N LEU B 92 -2.32 -20.71 12.03
CA LEU B 92 -1.07 -20.22 12.63
C LEU B 92 -0.81 -21.01 13.92
N GLN B 93 0.19 -21.88 13.88
CA GLN B 93 0.65 -22.59 15.08
C GLN B 93 1.53 -21.67 15.88
N MET B 94 1.24 -21.45 17.15
CA MET B 94 2.08 -20.62 18.02
C MET B 94 2.66 -21.48 19.13
N ASN B 95 3.96 -21.36 19.38
CA ASN B 95 4.63 -22.05 20.49
C ASN B 95 5.44 -21.03 21.28
N SER B 96 5.83 -21.42 22.50
CA SER B 96 6.71 -20.59 23.34
C SER B 96 6.19 -19.16 23.44
N LEU B 97 4.91 -19.05 23.76
CA LEU B 97 4.25 -17.75 23.71
C LEU B 97 4.80 -16.83 24.80
N LYS B 98 4.92 -15.57 24.44
CA LYS B 98 5.51 -14.50 25.23
C LYS B 98 4.50 -13.39 25.45
N PRO B 99 4.61 -12.63 26.56
CA PRO B 99 3.67 -11.50 26.75
C PRO B 99 3.58 -10.58 25.54
N GLU B 100 4.71 -10.34 24.85
CA GLU B 100 4.72 -9.48 23.67
C GLU B 100 3.88 -10.03 22.52
N ASP B 101 3.49 -11.30 22.57
CA ASP B 101 2.60 -11.89 21.56
C ASP B 101 1.14 -11.57 21.80
N THR B 102 0.78 -10.94 22.94
CA THR B 102 -0.60 -10.53 23.16
C THR B 102 -1.02 -9.52 22.08
N ALA B 103 -2.09 -9.86 21.36
CA ALA B 103 -2.52 -9.03 20.23
C ALA B 103 -3.76 -9.63 19.61
N VAL B 104 -4.48 -8.80 18.84
CA VAL B 104 -5.46 -9.27 17.88
C VAL B 104 -4.71 -9.69 16.62
N TYR B 105 -4.97 -10.91 16.16
CA TYR B 105 -4.35 -11.51 14.98
C TYR B 105 -5.32 -11.51 13.84
N TYR B 106 -4.83 -11.13 12.65
CA TYR B 106 -5.66 -11.03 11.46
C TYR B 106 -5.10 -11.90 10.36
N CYS B 107 -5.97 -12.60 9.64
CA CYS B 107 -5.64 -13.22 8.35
CA CYS B 107 -5.47 -13.15 8.39
C CYS B 107 -5.81 -12.20 7.22
N ASN B 108 -5.12 -12.43 6.10
CA ASN B 108 -4.99 -11.44 5.04
C ASN B 108 -4.79 -12.16 3.69
N VAL B 109 -5.50 -11.68 2.66
CA VAL B 109 -5.36 -12.17 1.30
C VAL B 109 -5.61 -11.02 0.35
N ASN B 110 -4.99 -11.09 -0.83
CA ASN B 110 -5.18 -10.10 -1.91
C ASN B 110 -5.77 -10.85 -3.11
N VAL B 111 -7.06 -10.66 -3.35
CA VAL B 111 -7.81 -11.27 -4.45
C VAL B 111 -8.44 -10.09 -5.22
N GLY B 112 -7.68 -9.49 -6.11
CA GLY B 112 -8.10 -8.24 -6.75
C GLY B 112 -7.74 -7.08 -5.86
N PHE B 113 -8.46 -7.02 -4.75
CA PHE B 113 -8.13 -6.09 -3.68
C PHE B 113 -7.75 -6.87 -2.41
N GLU B 114 -7.17 -6.14 -1.48
CA GLU B 114 -6.79 -6.68 -0.18
C GLU B 114 -8.02 -6.89 0.69
N TYR B 115 -8.08 -8.04 1.34
CA TYR B 115 -9.12 -8.39 2.29
C TYR B 115 -8.49 -8.82 3.63
N TRP B 116 -9.15 -8.44 4.72
CA TRP B 116 -8.76 -8.80 6.08
C TRP B 116 -9.90 -9.51 6.80
N GLY B 117 -9.55 -10.44 7.70
CA GLY B 117 -10.51 -11.03 8.62
C GLY B 117 -10.87 -10.06 9.70
N GLN B 118 -11.77 -10.48 10.59
CA GLN B 118 -12.25 -9.57 11.63
C GLN B 118 -11.33 -9.56 12.85
N GLY B 119 -10.46 -10.54 12.98
CA GLY B 119 -9.46 -10.58 14.03
C GLY B 119 -9.86 -11.54 15.12
N THR B 120 -8.86 -12.15 15.76
CA THR B 120 -9.07 -12.98 16.94
C THR B 120 -8.01 -12.63 17.98
N GLN B 121 -8.43 -12.52 19.23
CA GLN B 121 -7.59 -11.97 20.28
C GLN B 121 -6.86 -13.07 21.05
N VAL B 122 -5.55 -12.96 21.10
CA VAL B 122 -4.69 -13.81 21.90
C VAL B 122 -4.20 -13.01 23.08
N THR B 123 -4.35 -13.56 24.29
CA THR B 123 -3.87 -12.93 25.51
C THR B 123 -2.91 -13.90 26.20
N VAL B 124 -1.68 -13.48 26.37
CA VAL B 124 -0.64 -14.26 27.03
C VAL B 124 -0.44 -13.62 28.40
N SER B 125 -0.80 -14.36 29.44
CA SER B 125 -1.09 -13.75 30.72
C SER B 125 -0.01 -13.72 31.80
N SER B 126 0.17 -14.86 32.47
CA SER B 126 0.60 -14.99 33.88
C SER B 126 0.06 -13.83 34.73
TB TB C . 0.93 0.25 23.87
#